data_8QGN
#
_entry.id   8QGN
#
_cell.length_a   63.362
_cell.length_b   75.709
_cell.length_c   118.922
_cell.angle_alpha   90.00
_cell.angle_beta   90.00
_cell.angle_gamma   90.00
#
_symmetry.space_group_name_H-M   'I 2 2 2'
#
loop_
_entity.id
_entity.type
_entity.pdbx_description
1 polymer 'NAD kinase 1'
2 non-polymer 'CITRIC ACID'
3 non-polymer 1-[[(2~{R},3~{S},4~{R},5~{R})-5-[8-[3-[[(2~{R},3~{S},4~{R},5~{R})-5-(6-aminopurin-9-yl)-3,4-bis(oxidanyl)oxolan-2-yl]methoxy]prop-1-ynyl]-6-azanyl-purin-9-yl]-3,4-bis(oxidanyl)oxolan-2-yl]methyl]-3-ethyl-urea
4 water water
#
_entity_poly.entity_id   1
_entity_poly.type   'polypeptide(L)'
_entity_poly.pdbx_seq_one_letter_code
;MKYMITSKGDEKSDLLRLNMIAGFGEYDMEYDDVEPEIVISIGGDGTFLSAFHQYEERLDEIAFIGIHTGHLGFYADWRP
AEADKLVKLLAKGEYQKVSYPLLKTTVKYGIGKKEATYLALNESTVKSSGGPFVVDVVINDIHFERFRGDGLCMSTPSGT
TAYNKSLGGALMHPSIEAMQLTEMASINNRVYRTIGSPLVFPKHHVVSLQPVNDKDFQISVDHLSILHRDVQEIRYEVSA
KKIHFARFRSFPFWRRVHDSFIEDLEHHHHHH
;
_entity_poly.pdbx_strand_id   A
#
loop_
_chem_comp.id
_chem_comp.type
_chem_comp.name
_chem_comp.formula
CIT non-polymer 'CITRIC ACID' 'C6 H8 O7'
UMU non-polymer 1-[[(2~{R},3~{S},4~{R},5~{R})-5-[8-[3-[[(2~{R},3~{S},4~{R},5~{R})-5-(6-aminopurin-9-yl)-3,4-bis(oxidanyl)oxolan-2-yl]methoxy]prop-1-ynyl]-6-azanyl-purin-9-yl]-3,4-bis(oxidanyl)oxolan-2-yl]methyl]-3-ethyl-urea 'C26 H32 N12 O8'
#
# COMPACT_ATOMS: atom_id res chain seq x y z
N MET A 1 7.49 23.55 -11.50
CA MET A 1 7.03 22.17 -11.52
C MET A 1 5.70 22.04 -10.77
N LYS A 2 4.73 21.39 -11.41
CA LYS A 2 3.41 21.27 -10.82
C LYS A 2 3.45 20.35 -9.60
N TYR A 3 2.72 20.75 -8.56
CA TYR A 3 2.69 20.01 -7.30
C TYR A 3 1.36 20.25 -6.60
N MET A 4 1.06 19.38 -5.64
CA MET A 4 -0.07 19.60 -4.74
C MET A 4 0.31 19.06 -3.37
N ILE A 5 -0.44 19.51 -2.36
CA ILE A 5 -0.21 19.11 -0.97
C ILE A 5 -1.54 18.72 -0.36
N THR A 6 -1.62 17.50 0.19
CA THR A 6 -2.76 17.02 0.96
C THR A 6 -2.38 17.01 2.43
N SER A 7 -3.38 17.20 3.28
CA SER A 7 -3.15 17.40 4.71
C SER A 7 -4.12 16.56 5.53
N LYS A 8 -3.66 16.12 6.70
CA LYS A 8 -4.51 15.36 7.61
C LYS A 8 -5.76 16.13 8.00
N GLY A 9 -5.71 17.45 7.99
CA GLY A 9 -6.85 18.27 8.34
C GLY A 9 -6.78 18.87 9.73
N ASP A 10 -5.84 18.44 10.57
CA ASP A 10 -5.70 19.04 11.88
C ASP A 10 -4.93 20.36 11.77
N GLU A 11 -4.85 21.06 12.90
CA GLU A 11 -4.30 22.42 12.89
C GLU A 11 -2.84 22.44 12.44
N LYS A 12 -2.02 21.53 12.97
CA LYS A 12 -0.60 21.56 12.67
C LYS A 12 -0.34 21.30 11.19
N SER A 13 -1.11 20.40 10.58
CA SER A 13 -0.87 20.02 9.19
C SER A 13 -1.38 21.10 8.23
N ASP A 14 -2.59 21.62 8.47
CA ASP A 14 -3.13 22.66 7.61
C ASP A 14 -2.22 23.88 7.58
N LEU A 15 -1.72 24.30 8.75
CA LEU A 15 -0.83 25.45 8.81
C LEU A 15 0.50 25.16 8.11
N LEU A 16 1.04 23.96 8.31
CA LEU A 16 2.26 23.59 7.62
C LEU A 16 2.07 23.58 6.11
N ARG A 17 0.88 23.19 5.65
CA ARG A 17 0.61 23.18 4.22
C ARG A 17 0.58 24.61 3.66
N LEU A 18 0.00 25.55 4.40
CA LEU A 18 -0.06 26.93 3.94
C LEU A 18 1.33 27.56 3.88
N ASN A 19 2.19 27.23 4.85
CA ASN A 19 3.54 27.79 4.87
C ASN A 19 4.35 27.30 3.68
N MET A 20 4.23 26.02 3.34
CA MET A 20 4.97 25.49 2.20
C MET A 20 4.45 26.07 0.89
N ILE A 21 3.13 26.21 0.76
CA ILE A 21 2.56 26.85 -0.43
C ILE A 21 3.08 28.27 -0.57
N ALA A 22 3.12 29.01 0.54
CA ALA A 22 3.72 30.34 0.51
C ALA A 22 5.21 30.26 0.19
N GLY A 23 5.89 29.25 0.71
CA GLY A 23 7.31 29.08 0.40
C GLY A 23 7.53 28.71 -1.05
N PHE A 24 6.67 27.84 -1.59
CA PHE A 24 6.77 27.47 -3.01
C PHE A 24 6.45 28.65 -3.91
N GLY A 25 5.72 29.66 -3.41
CA GLY A 25 5.46 30.86 -4.19
C GLY A 25 6.70 31.66 -4.52
N GLU A 26 7.83 31.36 -3.86
CA GLU A 26 9.09 32.03 -4.12
C GLU A 26 9.95 31.29 -5.13
N TYR A 27 9.39 30.31 -5.84
CA TYR A 27 10.12 29.53 -6.82
C TYR A 27 9.23 29.33 -8.05
N ASP A 28 9.79 28.65 -9.06
CA ASP A 28 9.04 28.27 -10.25
C ASP A 28 8.21 27.01 -9.98
N MET A 29 7.32 27.12 -9.01
CA MET A 29 6.42 26.06 -8.61
C MET A 29 4.98 26.51 -8.80
N GLU A 30 4.16 25.63 -9.39
CA GLU A 30 2.76 25.90 -9.64
C GLU A 30 1.91 24.86 -8.92
N TYR A 31 0.95 25.32 -8.12
CA TYR A 31 0.06 24.41 -7.43
C TYR A 31 -1.01 23.91 -8.40
N ASP A 32 -1.04 22.60 -8.60
CA ASP A 32 -2.05 21.95 -9.45
C ASP A 32 -2.34 20.59 -8.86
N ASP A 33 -3.53 20.42 -8.30
CA ASP A 33 -3.93 19.12 -7.76
C ASP A 33 -4.66 18.26 -8.78
N VAL A 34 -4.80 18.72 -10.02
CA VAL A 34 -5.38 17.91 -11.08
C VAL A 34 -4.32 17.08 -11.78
N GLU A 35 -3.26 17.72 -12.24
CA GLU A 35 -2.12 17.04 -12.86
C GLU A 35 -0.82 17.43 -12.17
N PRO A 36 -0.64 17.08 -10.90
CA PRO A 36 0.65 17.36 -10.26
C PRO A 36 1.70 16.36 -10.68
N GLU A 37 2.95 16.76 -10.51
CA GLU A 37 4.09 15.87 -10.68
C GLU A 37 4.75 15.54 -9.35
N ILE A 38 4.55 16.37 -8.33
CA ILE A 38 4.97 16.10 -6.96
C ILE A 38 3.74 16.12 -6.08
N VAL A 39 3.52 15.05 -5.33
CA VAL A 39 2.43 14.97 -4.37
C VAL A 39 3.04 14.89 -2.98
N ILE A 40 2.76 15.88 -2.15
CA ILE A 40 3.28 15.96 -0.79
C ILE A 40 2.14 15.66 0.18
N SER A 41 2.36 14.69 1.06
CA SER A 41 1.36 14.26 2.03
C SER A 41 1.80 14.70 3.41
N ILE A 42 0.98 15.49 4.09
CA ILE A 42 1.26 15.97 5.44
C ILE A 42 0.28 15.30 6.39
N GLY A 43 0.78 14.42 7.24
CA GLY A 43 -0.05 13.70 8.17
C GLY A 43 0.57 12.39 8.66
N GLY A 44 -0.08 11.28 8.36
CA GLY A 44 0.47 9.97 8.68
C GLY A 44 0.45 9.03 7.49
N ASP A 45 0.65 7.74 7.72
CA ASP A 45 0.55 6.76 6.64
C ASP A 45 -0.87 6.73 6.07
N GLY A 46 -1.86 6.94 6.93
CA GLY A 46 -3.24 7.01 6.44
C GLY A 46 -3.44 8.18 5.49
N THR A 47 -2.89 9.34 5.84
CA THR A 47 -2.91 10.48 4.91
C THR A 47 -2.12 10.16 3.65
N PHE A 48 -1.00 9.45 3.78
CA PHE A 48 -0.21 9.09 2.61
C PHE A 48 -0.91 8.04 1.75
N LEU A 49 -1.55 7.06 2.39
CA LEU A 49 -2.33 6.07 1.64
C LEU A 49 -3.43 6.75 0.83
N SER A 50 -4.05 7.78 1.39
CA SER A 50 -5.12 8.48 0.70
C SER A 50 -4.58 9.27 -0.49
N ALA A 51 -3.42 9.91 -0.32
CA ALA A 51 -2.81 10.65 -1.41
C ALA A 51 -2.47 9.72 -2.59
N PHE A 52 -1.97 8.52 -2.28
CA PHE A 52 -1.65 7.56 -3.33
C PHE A 52 -2.89 7.17 -4.11
N HIS A 53 -3.95 6.77 -3.41
CA HIS A 53 -5.18 6.36 -4.08
C HIS A 53 -5.90 7.52 -4.75
N GLN A 54 -5.63 8.75 -4.30
CA GLN A 54 -6.21 9.91 -4.95
C GLN A 54 -5.63 10.13 -6.34
N TYR A 55 -4.42 9.60 -6.58
CA TYR A 55 -3.70 9.84 -7.82
C TYR A 55 -3.17 8.54 -8.43
N GLU A 56 -3.87 7.42 -8.21
CA GLU A 56 -3.43 6.16 -8.76
C GLU A 56 -3.53 6.12 -10.28
N GLU A 57 -4.23 7.09 -10.89
CA GLU A 57 -4.35 7.15 -12.34
C GLU A 57 -3.11 7.73 -13.02
N ARG A 58 -2.21 8.36 -12.27
CA ARG A 58 -1.03 8.97 -12.87
C ARG A 58 0.21 8.65 -12.05
N LEU A 59 0.32 7.41 -11.57
CA LEU A 59 1.46 7.00 -10.77
C LEU A 59 2.77 7.04 -11.56
N ASP A 60 2.71 6.99 -12.89
CA ASP A 60 3.91 7.10 -13.70
C ASP A 60 4.35 8.54 -13.90
N GLU A 61 3.48 9.51 -13.62
CA GLU A 61 3.83 10.92 -13.76
C GLU A 61 4.07 11.62 -12.43
N ILE A 62 4.02 10.89 -11.32
CA ILE A 62 3.98 11.51 -10.00
C ILE A 62 5.05 10.89 -9.11
N ALA A 63 5.79 11.72 -8.39
CA ALA A 63 6.66 11.31 -7.31
C ALA A 63 6.06 11.79 -5.99
N PHE A 64 6.04 10.90 -5.00
CA PHE A 64 5.40 11.16 -3.71
C PHE A 64 6.43 11.54 -2.66
N ILE A 65 6.04 12.45 -1.77
CA ILE A 65 6.86 12.89 -0.64
C ILE A 65 5.99 12.91 0.60
N GLY A 66 6.48 12.33 1.69
CA GLY A 66 5.73 12.27 2.92
C GLY A 66 6.31 13.05 4.07
N ILE A 67 5.51 13.94 4.67
CA ILE A 67 5.84 14.61 5.92
C ILE A 67 4.89 14.09 6.98
N HIS A 68 5.44 13.57 8.09
CA HIS A 68 4.62 13.00 9.16
C HIS A 68 4.55 13.99 10.32
N THR A 69 3.33 14.45 10.60
CA THR A 69 3.03 15.24 11.80
C THR A 69 2.38 14.39 12.88
N GLY A 70 2.40 13.07 12.74
CA GLY A 70 1.70 12.19 13.64
C GLY A 70 2.59 11.30 14.48
N HIS A 71 2.17 10.06 14.69
CA HIS A 71 2.84 9.20 15.66
C HIS A 71 4.00 8.43 15.03
N LEU A 72 3.71 7.59 14.04
CA LEU A 72 4.75 6.78 13.41
C LEU A 72 5.17 7.36 12.07
N GLY A 73 4.31 7.26 11.07
CA GLY A 73 4.64 7.73 9.74
C GLY A 73 5.71 6.90 9.07
N PHE A 74 5.35 5.69 8.65
CA PHE A 74 6.35 4.79 8.07
C PHE A 74 6.78 5.25 6.68
N TYR A 75 5.84 5.79 5.90
CA TYR A 75 6.14 6.23 4.54
C TYR A 75 6.71 7.63 4.47
N ALA A 76 6.86 8.32 5.60
CA ALA A 76 7.34 9.69 5.60
C ALA A 76 8.85 9.73 5.66
N ASP A 77 9.41 10.83 5.14
CA ASP A 77 10.85 11.06 5.16
C ASP A 77 11.22 12.38 5.84
N TRP A 78 10.26 13.08 6.44
CA TRP A 78 10.50 14.45 6.87
C TRP A 78 9.78 14.74 8.18
N ARG A 79 10.47 15.45 9.06
CA ARG A 79 9.86 16.09 10.22
C ARG A 79 9.31 17.45 9.81
N PRO A 80 8.28 17.94 10.52
CA PRO A 80 7.73 19.27 10.17
C PRO A 80 8.74 20.40 10.31
N ALA A 81 9.74 20.25 11.19
CA ALA A 81 10.76 21.29 11.33
C ALA A 81 11.69 21.35 10.13
N GLU A 82 11.82 20.25 9.38
CA GLU A 82 12.66 20.19 8.20
C GLU A 82 11.90 20.59 6.93
N ALA A 83 10.73 21.21 7.06
CA ALA A 83 9.86 21.42 5.91
C ALA A 83 10.44 22.46 4.96
N ASP A 84 10.95 23.58 5.50
CA ASP A 84 11.46 24.63 4.63
C ASP A 84 12.71 24.19 3.89
N LYS A 85 13.48 23.27 4.47
CA LYS A 85 14.58 22.67 3.73
C LYS A 85 14.07 21.79 2.60
N LEU A 86 12.88 21.22 2.74
CA LEU A 86 12.31 20.41 1.67
C LEU A 86 11.84 21.28 0.51
N VAL A 87 11.24 22.43 0.83
CA VAL A 87 10.81 23.36 -0.22
C VAL A 87 11.99 23.75 -1.11
N LYS A 88 13.13 24.04 -0.47
CA LYS A 88 14.31 24.51 -1.21
C LYS A 88 14.87 23.41 -2.11
N LEU A 89 15.12 22.22 -1.55
CA LEU A 89 15.72 21.14 -2.32
C LEU A 89 14.80 20.68 -3.45
N LEU A 90 13.50 20.55 -3.17
CA LEU A 90 12.57 20.21 -4.22
C LEU A 90 12.54 21.27 -5.31
N ALA A 91 12.77 22.53 -4.93
CA ALA A 91 12.84 23.59 -5.93
C ALA A 91 14.14 23.52 -6.71
N LYS A 92 15.25 23.17 -6.03
CA LYS A 92 16.52 22.99 -6.70
C LYS A 92 16.45 21.94 -7.80
N GLY A 93 15.43 21.09 -7.79
CA GLY A 93 15.16 20.18 -8.87
C GLY A 93 15.91 18.87 -8.82
N GLU A 94 17.02 18.80 -8.10
CA GLU A 94 17.84 17.58 -8.07
C GLU A 94 17.50 16.77 -6.84
N TYR A 95 17.04 15.55 -7.08
CA TYR A 95 16.74 14.53 -6.09
C TYR A 95 16.63 13.23 -6.88
N GLN A 96 16.63 12.10 -6.19
CA GLN A 96 16.57 10.83 -6.87
C GLN A 96 15.25 10.12 -6.58
N LYS A 97 14.76 9.39 -7.58
CA LYS A 97 13.48 8.71 -7.52
C LYS A 97 13.70 7.23 -7.25
N VAL A 98 12.96 6.69 -6.28
CA VAL A 98 12.98 5.26 -5.98
C VAL A 98 11.57 4.72 -6.15
N SER A 99 11.47 3.47 -6.59
CA SER A 99 10.21 2.87 -6.97
C SER A 99 9.96 1.61 -6.16
N TYR A 100 8.76 1.51 -5.57
CA TYR A 100 8.32 0.35 -4.81
C TYR A 100 7.28 -0.44 -5.59
N PRO A 101 7.27 -1.76 -5.47
CA PRO A 101 6.28 -2.56 -6.19
C PRO A 101 4.89 -2.38 -5.62
N LEU A 102 3.90 -2.58 -6.48
CA LEU A 102 2.50 -2.47 -6.11
C LEU A 102 1.79 -3.79 -6.35
N LEU A 103 0.65 -3.97 -5.68
CA LEU A 103 -0.16 -5.18 -5.82
C LEU A 103 -1.38 -4.89 -6.69
N LYS A 104 -1.75 -5.87 -7.51
CA LYS A 104 -2.94 -5.78 -8.34
C LYS A 104 -3.95 -6.81 -7.88
N THR A 105 -5.18 -6.36 -7.62
CA THR A 105 -6.29 -7.22 -7.27
C THR A 105 -7.35 -7.10 -8.35
N THR A 106 -7.78 -8.24 -8.88
CA THR A 106 -8.86 -8.31 -9.86
C THR A 106 -9.98 -9.17 -9.30
N VAL A 107 -11.18 -8.60 -9.26
CA VAL A 107 -12.36 -9.26 -8.72
C VAL A 107 -13.35 -9.47 -9.85
N LYS A 108 -13.94 -10.66 -9.91
CA LYS A 108 -14.83 -11.04 -11.01
C LYS A 108 -16.19 -11.43 -10.45
N TYR A 109 -17.24 -11.07 -11.20
CA TYR A 109 -18.60 -11.37 -10.80
C TYR A 109 -19.28 -12.30 -11.80
N GLY A 110 -20.56 -12.08 -12.05
CA GLY A 110 -21.33 -12.96 -12.91
C GLY A 110 -22.64 -12.37 -13.42
N LYS A 114 -19.14 -7.98 -13.57
CA LYS A 114 -18.08 -7.74 -14.55
C LYS A 114 -16.69 -8.03 -13.98
N GLU A 115 -15.84 -7.00 -13.98
CA GLU A 115 -14.46 -7.15 -13.55
C GLU A 115 -13.97 -5.84 -12.95
N ALA A 116 -13.60 -5.88 -11.68
CA ALA A 116 -13.07 -4.71 -10.97
C ALA A 116 -11.62 -4.96 -10.58
N THR A 117 -10.76 -3.98 -10.83
CA THR A 117 -9.35 -4.05 -10.50
C THR A 117 -8.98 -2.97 -9.50
N TYR A 118 -7.95 -3.24 -8.70
CA TYR A 118 -7.50 -2.30 -7.68
C TYR A 118 -5.98 -2.34 -7.59
N LEU A 119 -5.41 -1.22 -7.16
CA LEU A 119 -3.98 -1.11 -6.87
C LEU A 119 -3.79 -0.88 -5.38
N ALA A 120 -2.83 -1.59 -4.78
CA ALA A 120 -2.61 -1.52 -3.34
C ALA A 120 -1.15 -1.18 -3.04
N LEU A 121 -0.94 -0.29 -2.08
CA LEU A 121 0.39 0.03 -1.58
C LEU A 121 0.77 -0.79 -0.36
N ASN A 122 -0.19 -1.06 0.52
CA ASN A 122 0.08 -1.93 1.67
C ASN A 122 -0.35 -3.36 1.36
N GLU A 123 -1.65 -3.63 1.32
CA GLU A 123 -2.12 -5.00 1.16
C GLU A 123 -3.58 -5.00 0.75
N SER A 124 -4.01 -6.17 0.27
CA SER A 124 -5.41 -6.47 0.03
C SER A 124 -5.77 -7.73 0.81
N THR A 125 -6.89 -7.69 1.53
CA THR A 125 -7.31 -8.79 2.36
C THR A 125 -8.73 -9.21 1.99
N VAL A 126 -9.02 -10.49 2.21
CA VAL A 126 -10.36 -11.03 1.96
C VAL A 126 -10.90 -11.61 3.25
N LYS A 127 -12.16 -11.32 3.53
CA LYS A 127 -12.91 -11.96 4.61
C LYS A 127 -14.31 -12.24 4.11
N SER A 128 -15.01 -13.13 4.80
CA SER A 128 -16.38 -13.43 4.41
C SER A 128 -17.33 -12.34 4.90
N SER A 129 -18.48 -12.24 4.25
CA SER A 129 -19.48 -11.24 4.60
C SER A 129 -20.38 -11.77 5.72
N GLY A 130 -19.74 -12.14 6.82
CA GLY A 130 -20.45 -12.85 7.88
C GLY A 130 -20.63 -14.31 7.53
N GLY A 131 -20.32 -15.20 8.45
CA GLY A 131 -20.33 -16.61 8.16
C GLY A 131 -18.94 -17.11 7.85
N PRO A 132 -18.79 -18.42 7.70
CA PRO A 132 -17.45 -18.99 7.52
C PRO A 132 -16.84 -18.58 6.19
N PHE A 133 -15.52 -18.34 6.22
CA PHE A 133 -14.75 -17.97 5.05
C PHE A 133 -14.04 -19.20 4.52
N VAL A 134 -14.44 -19.67 3.34
CA VAL A 134 -13.85 -20.85 2.71
C VAL A 134 -13.55 -20.51 1.25
N VAL A 135 -12.29 -20.67 0.85
CA VAL A 135 -11.86 -20.45 -0.52
C VAL A 135 -10.84 -21.50 -0.91
N ASP A 136 -10.78 -21.80 -2.20
CA ASP A 136 -9.72 -22.65 -2.76
C ASP A 136 -8.62 -21.76 -3.31
N VAL A 137 -7.38 -22.07 -2.94
CA VAL A 137 -6.23 -21.26 -3.32
C VAL A 137 -5.57 -21.91 -4.53
N VAL A 138 -5.59 -21.20 -5.66
CA VAL A 138 -5.08 -21.70 -6.93
C VAL A 138 -3.87 -20.87 -7.34
N ILE A 139 -2.71 -21.51 -7.42
CA ILE A 139 -1.47 -20.85 -7.79
C ILE A 139 -1.10 -21.29 -9.20
N ASN A 140 -1.14 -20.35 -10.15
CA ASN A 140 -0.77 -20.64 -11.54
C ASN A 140 -1.56 -21.82 -12.10
N ASP A 141 -2.88 -21.77 -11.89
CA ASP A 141 -3.86 -22.72 -12.38
C ASP A 141 -3.75 -24.10 -11.74
N ILE A 142 -2.95 -24.25 -10.69
CA ILE A 142 -2.82 -25.50 -9.95
C ILE A 142 -3.41 -25.28 -8.56
N HIS A 143 -4.38 -26.12 -8.20
CA HIS A 143 -4.99 -26.02 -6.88
C HIS A 143 -3.97 -26.35 -5.79
N PHE A 144 -3.89 -25.50 -4.78
CA PHE A 144 -2.88 -25.59 -3.74
C PHE A 144 -3.43 -25.99 -2.39
N GLU A 145 -4.56 -25.42 -1.99
CA GLU A 145 -5.14 -25.70 -0.68
C GLU A 145 -6.54 -25.14 -0.63
N ARG A 146 -7.32 -25.65 0.31
CA ARG A 146 -8.61 -25.09 0.68
C ARG A 146 -8.46 -24.40 2.03
N PHE A 147 -8.66 -23.09 2.06
CA PHE A 147 -8.46 -22.29 3.27
C PHE A 147 -9.79 -22.15 4.02
N ARG A 148 -9.79 -22.52 5.30
CA ARG A 148 -10.91 -22.30 6.21
C ARG A 148 -10.38 -21.50 7.39
N GLY A 149 -10.87 -20.28 7.54
CA GLY A 149 -10.43 -19.41 8.61
C GLY A 149 -11.11 -18.05 8.60
N ASP A 150 -10.44 -17.03 9.13
CA ASP A 150 -11.01 -15.69 9.14
C ASP A 150 -10.73 -14.94 7.84
N GLY A 151 -9.58 -15.15 7.22
CA GLY A 151 -9.31 -14.48 5.97
C GLY A 151 -7.87 -14.67 5.53
N LEU A 152 -7.50 -13.92 4.48
CA LEU A 152 -6.18 -13.96 3.90
C LEU A 152 -5.72 -12.54 3.62
N CYS A 153 -4.39 -12.35 3.61
CA CYS A 153 -3.79 -11.04 3.40
C CYS A 153 -2.66 -11.16 2.39
N MET A 154 -2.76 -10.44 1.29
CA MET A 154 -1.72 -10.38 0.27
C MET A 154 -1.08 -9.00 0.34
N SER A 155 0.22 -8.97 0.58
CA SER A 155 0.93 -7.73 0.89
C SER A 155 1.98 -7.40 -0.17
N THR A 156 2.20 -6.11 -0.35
CA THR A 156 3.31 -5.60 -1.13
C THR A 156 4.58 -5.65 -0.28
N PRO A 157 5.77 -5.44 -0.89
CA PRO A 157 7.00 -5.38 -0.08
C PRO A 157 6.94 -4.32 1.01
N SER A 158 6.73 -3.06 0.62
CA SER A 158 6.66 -1.97 1.60
C SER A 158 5.49 -2.15 2.57
N GLY A 159 4.50 -2.96 2.21
CA GLY A 159 3.39 -3.26 3.09
C GLY A 159 3.62 -4.41 4.04
N THR A 160 4.75 -5.11 3.91
CA THR A 160 5.04 -6.23 4.79
C THR A 160 5.31 -5.79 6.23
N THR A 161 5.69 -4.53 6.43
CA THR A 161 5.86 -3.98 7.77
C THR A 161 4.54 -3.55 8.41
N ALA A 162 3.43 -3.64 7.68
CA ALA A 162 2.14 -3.20 8.20
C ALA A 162 1.30 -4.37 8.68
N TYR A 163 0.12 -4.56 8.08
CA TYR A 163 -0.78 -5.64 8.47
C TYR A 163 -0.10 -7.00 8.35
N ASN A 164 0.71 -7.18 7.31
CA ASN A 164 1.38 -8.46 7.10
C ASN A 164 2.25 -8.82 8.30
N LYS A 165 2.90 -7.82 8.91
CA LYS A 165 3.77 -8.10 10.05
C LYS A 165 2.99 -8.62 11.24
N SER A 166 1.83 -8.04 11.53
CA SER A 166 1.05 -8.46 12.69
C SER A 166 0.51 -9.88 12.53
N LEU A 167 0.43 -10.38 11.31
CA LEU A 167 -0.04 -11.74 11.05
C LEU A 167 1.08 -12.76 11.01
N GLY A 168 2.29 -12.37 11.42
CA GLY A 168 3.42 -13.28 11.41
C GLY A 168 4.21 -13.31 10.13
N GLY A 169 3.90 -12.45 9.16
CA GLY A 169 4.61 -12.45 7.91
C GLY A 169 6.03 -11.94 8.02
N ALA A 170 6.79 -12.12 6.94
CA ALA A 170 8.17 -11.68 6.90
C ALA A 170 8.26 -10.26 6.33
N LEU A 171 9.37 -9.60 6.65
CA LEU A 171 9.62 -8.25 6.18
C LEU A 171 10.48 -8.31 4.92
N MET A 172 10.00 -7.68 3.85
CA MET A 172 10.56 -7.84 2.52
C MET A 172 11.12 -6.51 2.03
N HIS A 173 12.38 -6.52 1.60
CA HIS A 173 12.97 -5.31 1.05
C HIS A 173 12.30 -4.96 -0.27
N PRO A 174 11.94 -3.68 -0.48
CA PRO A 174 11.13 -3.30 -1.65
C PRO A 174 11.86 -3.37 -2.98
N SER A 175 13.16 -3.69 -3.00
CA SER A 175 13.80 -3.95 -4.28
C SER A 175 13.36 -5.29 -4.86
N ILE A 176 12.82 -6.16 -4.02
CA ILE A 176 12.30 -7.45 -4.46
C ILE A 176 10.89 -7.25 -4.98
N GLU A 177 10.67 -7.59 -6.26
CA GLU A 177 9.35 -7.47 -6.87
C GLU A 177 8.58 -8.74 -6.53
N ALA A 178 7.80 -8.67 -5.45
CA ALA A 178 7.10 -9.85 -4.96
C ALA A 178 5.83 -9.44 -4.22
N MET A 179 5.04 -10.45 -3.87
CA MET A 179 3.88 -10.27 -3.02
C MET A 179 3.85 -11.43 -2.01
N GLN A 180 3.39 -11.12 -0.79
CA GLN A 180 3.39 -12.08 0.30
C GLN A 180 1.97 -12.34 0.76
N LEU A 181 1.60 -13.61 0.86
CA LEU A 181 0.28 -14.03 1.30
C LEU A 181 0.39 -14.63 2.69
N THR A 182 -0.41 -14.13 3.63
CA THR A 182 -0.44 -14.62 4.99
C THR A 182 -1.85 -15.07 5.36
N GLU A 183 -1.93 -15.92 6.38
CA GLU A 183 -3.21 -16.46 6.82
C GLU A 183 -3.77 -15.65 7.99
N MET A 184 -5.09 -15.70 8.14
CA MET A 184 -5.78 -15.10 9.28
C MET A 184 -6.52 -16.21 10.02
N ALA A 185 -5.84 -16.82 10.99
CA ALA A 185 -6.45 -17.79 11.91
C ALA A 185 -7.17 -18.90 11.15
N SER A 186 -6.38 -19.67 10.41
CA SER A 186 -6.91 -20.85 9.74
C SER A 186 -7.15 -21.96 10.75
N ILE A 187 -8.16 -22.79 10.49
CA ILE A 187 -8.41 -23.96 11.31
C ILE A 187 -7.64 -25.13 10.72
N ASN A 188 -6.92 -25.85 11.58
CA ASN A 188 -6.14 -27.01 11.18
C ASN A 188 -6.42 -28.16 12.14
N ASN A 189 -6.98 -29.24 11.61
CA ASN A 189 -7.22 -30.45 12.40
C ASN A 189 -7.08 -31.70 11.52
N ARG A 190 -7.80 -32.76 11.87
CA ARG A 190 -7.75 -33.98 11.07
C ARG A 190 -8.35 -33.77 9.67
N VAL A 191 -9.31 -32.86 9.55
CA VAL A 191 -10.07 -32.70 8.32
C VAL A 191 -9.57 -31.50 7.52
N TYR A 192 -9.15 -30.45 8.21
CA TYR A 192 -8.73 -29.21 7.57
C TYR A 192 -7.23 -29.02 7.71
N ARG A 193 -6.58 -28.66 6.60
CA ARG A 193 -5.13 -28.52 6.58
C ARG A 193 -4.72 -27.41 5.63
N THR A 194 -3.94 -26.46 6.14
CA THR A 194 -3.37 -25.39 5.35
C THR A 194 -1.85 -25.40 5.50
N ILE A 195 -1.20 -24.57 4.70
CA ILE A 195 0.26 -24.50 4.76
C ILE A 195 0.72 -23.78 6.01
N GLY A 196 -0.09 -22.85 6.53
CA GLY A 196 0.29 -22.09 7.70
C GLY A 196 1.34 -21.02 7.43
N SER A 197 2.47 -21.43 6.84
CA SER A 197 3.55 -20.51 6.58
C SER A 197 3.12 -19.41 5.59
N PRO A 198 3.68 -18.22 5.70
CA PRO A 198 3.49 -17.21 4.66
C PRO A 198 4.15 -17.63 3.36
N LEU A 199 3.61 -17.15 2.24
CA LEU A 199 4.09 -17.49 0.92
C LEU A 199 4.50 -16.22 0.19
N VAL A 200 5.70 -16.24 -0.40
CA VAL A 200 6.23 -15.11 -1.14
C VAL A 200 6.24 -15.48 -2.62
N PHE A 201 5.44 -14.76 -3.42
CA PHE A 201 5.32 -15.04 -4.85
C PHE A 201 6.08 -14.01 -5.66
N PRO A 202 6.77 -14.43 -6.72
CA PRO A 202 7.48 -13.48 -7.58
C PRO A 202 6.52 -12.83 -8.57
N LYS A 203 7.10 -12.05 -9.48
CA LYS A 203 6.33 -11.49 -10.58
C LYS A 203 5.75 -12.61 -11.44
N HIS A 204 4.73 -12.26 -12.22
CA HIS A 204 4.14 -13.15 -13.23
C HIS A 204 3.50 -14.39 -12.61
N HIS A 205 3.49 -14.47 -11.28
CA HIS A 205 2.78 -15.53 -10.58
C HIS A 205 1.41 -15.04 -10.19
N VAL A 206 0.38 -15.84 -10.50
CA VAL A 206 -1.01 -15.45 -10.32
C VAL A 206 -1.62 -16.30 -9.24
N VAL A 207 -2.02 -15.67 -8.13
CA VAL A 207 -2.75 -16.32 -7.05
C VAL A 207 -4.23 -16.05 -7.26
N SER A 208 -5.04 -17.10 -7.29
CA SER A 208 -6.48 -16.99 -7.52
C SER A 208 -7.23 -17.61 -6.35
N LEU A 209 -8.17 -16.86 -5.79
CA LEU A 209 -9.06 -17.37 -4.76
C LEU A 209 -10.42 -17.68 -5.38
N GLN A 210 -10.95 -18.86 -5.10
CA GLN A 210 -12.18 -19.34 -5.71
C GLN A 210 -13.16 -19.75 -4.61
N PRO A 211 -14.37 -19.19 -4.58
CA PRO A 211 -15.32 -19.53 -3.51
C PRO A 211 -15.79 -20.97 -3.61
N VAL A 212 -16.11 -21.54 -2.44
CA VAL A 212 -16.63 -22.89 -2.35
C VAL A 212 -18.11 -22.90 -1.96
N ASN A 213 -18.49 -22.05 -1.00
CA ASN A 213 -19.88 -21.95 -0.57
C ASN A 213 -20.40 -20.54 -0.78
N ASP A 214 -20.25 -19.68 0.23
CA ASP A 214 -20.69 -18.30 0.11
C ASP A 214 -19.85 -17.56 -0.92
N LYS A 215 -20.50 -16.71 -1.70
CA LYS A 215 -19.83 -15.94 -2.75
C LYS A 215 -19.76 -14.46 -2.43
N ASP A 216 -20.10 -14.06 -1.20
CA ASP A 216 -19.99 -12.68 -0.76
C ASP A 216 -18.79 -12.53 0.16
N PHE A 217 -17.92 -11.57 -0.16
CA PHE A 217 -16.71 -11.35 0.61
C PHE A 217 -16.49 -9.87 0.82
N GLN A 218 -16.00 -9.51 2.01
CA GLN A 218 -15.58 -8.14 2.30
C GLN A 218 -14.10 -8.01 1.91
N ILE A 219 -13.84 -7.32 0.82
CA ILE A 219 -12.49 -7.15 0.29
C ILE A 219 -11.98 -5.78 0.71
N SER A 220 -10.73 -5.73 1.18
CA SER A 220 -10.09 -4.50 1.57
C SER A 220 -8.92 -4.21 0.64
N VAL A 221 -8.70 -2.92 0.36
CA VAL A 221 -7.50 -2.44 -0.33
C VAL A 221 -6.98 -1.26 0.49
N ASP A 222 -5.92 -1.50 1.26
CA ASP A 222 -5.32 -0.53 2.18
C ASP A 222 -6.40 -0.12 3.18
N HIS A 223 -6.79 1.14 3.27
CA HIS A 223 -7.80 1.56 4.23
C HIS A 223 -9.22 1.34 3.73
N LEU A 224 -9.41 1.09 2.45
CA LEU A 224 -10.75 0.82 1.95
C LEU A 224 -11.23 -0.57 2.36
N SER A 225 -12.55 -0.71 2.50
CA SER A 225 -13.17 -2.00 2.75
C SER A 225 -14.47 -2.06 1.98
N ILE A 226 -14.56 -2.96 1.01
CA ILE A 226 -15.71 -3.06 0.13
C ILE A 226 -16.38 -4.41 0.35
N LEU A 227 -17.70 -4.42 0.19
CA LEU A 227 -18.45 -5.66 0.10
C LEU A 227 -18.70 -6.00 -1.36
N HIS A 228 -18.37 -7.23 -1.75
CA HIS A 228 -18.56 -7.71 -3.10
C HIS A 228 -19.51 -8.91 -3.08
N ARG A 229 -20.48 -8.90 -3.99
CA ARG A 229 -21.46 -9.98 -4.08
C ARG A 229 -21.29 -10.74 -5.38
N ASP A 230 -21.73 -12.00 -5.38
CA ASP A 230 -21.69 -12.87 -6.55
C ASP A 230 -20.26 -12.95 -7.11
N VAL A 231 -19.31 -13.24 -6.24
CA VAL A 231 -17.90 -13.26 -6.61
C VAL A 231 -17.55 -14.60 -7.22
N GLN A 232 -16.96 -14.58 -8.40
CA GLN A 232 -16.47 -15.79 -9.05
C GLN A 232 -15.01 -16.06 -8.75
N GLU A 233 -14.20 -15.03 -8.51
CA GLU A 233 -12.76 -15.19 -8.43
C GLU A 233 -12.13 -13.89 -7.94
N ILE A 234 -11.16 -14.02 -7.03
CA ILE A 234 -10.28 -12.92 -6.64
C ILE A 234 -8.88 -13.30 -7.06
N ARG A 235 -8.18 -12.38 -7.73
CA ARG A 235 -6.91 -12.69 -8.35
C ARG A 235 -5.84 -11.70 -7.89
N TYR A 236 -4.72 -12.23 -7.42
CA TYR A 236 -3.59 -11.45 -6.94
C TYR A 236 -2.41 -11.58 -7.89
N GLU A 237 -1.63 -10.52 -7.99
CA GLU A 237 -0.61 -10.40 -9.03
C GLU A 237 0.22 -9.16 -8.75
N VAL A 238 1.53 -9.27 -8.99
CA VAL A 238 2.41 -8.12 -8.84
C VAL A 238 2.15 -7.15 -10.00
N SER A 239 1.80 -5.92 -9.67
CA SER A 239 1.44 -4.95 -10.69
C SER A 239 2.65 -4.59 -11.55
N ALA A 240 2.38 -4.21 -12.80
CA ALA A 240 3.41 -3.62 -13.64
C ALA A 240 3.65 -2.16 -13.33
N LYS A 241 2.68 -1.50 -12.71
CA LYS A 241 2.84 -0.12 -12.27
C LYS A 241 3.55 -0.07 -10.93
N LYS A 242 4.34 0.97 -10.73
CA LYS A 242 5.06 1.16 -9.49
C LYS A 242 4.84 2.57 -8.97
N ILE A 243 5.05 2.77 -7.68
CA ILE A 243 4.96 4.08 -7.05
C ILE A 243 6.36 4.64 -6.95
N HIS A 244 6.50 5.92 -7.28
CA HIS A 244 7.79 6.60 -7.30
C HIS A 244 7.90 7.55 -6.13
N PHE A 245 8.99 7.46 -5.38
CA PHE A 245 9.26 8.35 -4.27
C PHE A 245 10.38 9.31 -4.62
N ALA A 246 10.21 10.58 -4.24
CA ALA A 246 11.29 11.55 -4.36
C ALA A 246 12.12 11.51 -3.09
N ARG A 247 13.40 11.16 -3.22
CA ARG A 247 14.31 11.04 -2.09
C ARG A 247 15.39 12.11 -2.19
N PHE A 248 15.68 12.75 -1.06
CA PHE A 248 16.67 13.81 -1.00
C PHE A 248 17.90 13.45 -0.18
N ARG A 249 17.78 12.50 0.74
CA ARG A 249 18.91 11.96 1.49
C ARG A 249 18.75 10.45 1.53
N SER A 250 19.74 9.76 2.10
CA SER A 250 19.70 8.30 2.20
C SER A 250 18.93 7.90 3.45
N PHE A 251 17.86 7.12 3.27
CA PHE A 251 17.11 6.53 4.37
C PHE A 251 16.80 5.09 3.99
N PRO A 252 17.74 4.17 4.25
CA PRO A 252 17.55 2.79 3.80
C PRO A 252 16.31 2.17 4.43
N PHE A 253 15.73 1.21 3.70
CA PHE A 253 14.52 0.54 4.17
C PHE A 253 14.75 -0.13 5.52
N TRP A 254 15.93 -0.73 5.71
CA TRP A 254 16.21 -1.43 6.96
C TRP A 254 16.39 -0.45 8.11
N ARG A 255 17.00 0.71 7.85
CA ARG A 255 17.05 1.74 8.89
C ARG A 255 15.65 2.29 9.16
N ARG A 256 14.85 2.46 8.11
CA ARG A 256 13.46 2.82 8.29
C ARG A 256 12.72 1.79 9.14
N VAL A 257 13.06 0.51 8.98
CA VAL A 257 12.48 -0.53 9.82
C VAL A 257 12.96 -0.39 11.26
N HIS A 258 14.26 -0.15 11.43
CA HIS A 258 14.83 -0.05 12.78
C HIS A 258 14.17 1.06 13.60
N ASP A 259 14.03 2.24 12.99
CA ASP A 259 13.46 3.38 13.72
C ASP A 259 12.01 3.12 14.10
N SER A 260 11.26 2.41 13.25
CA SER A 260 9.84 2.22 13.51
C SER A 260 9.56 1.16 14.56
N PHE A 261 10.43 0.18 14.71
CA PHE A 261 10.13 -0.98 15.56
C PHE A 261 11.16 -1.22 16.67
N ILE A 262 12.41 -0.83 16.50
CA ILE A 262 13.41 -1.06 17.54
C ILE A 262 13.43 0.13 18.49
N GLU A 263 13.83 1.30 17.99
CA GLU A 263 13.86 2.52 18.78
C GLU A 263 14.22 3.67 17.85
N ASP A 264 13.99 4.89 18.34
CA ASP A 264 14.37 6.09 17.61
C ASP A 264 14.50 7.28 18.57
C1 CIT B . 17.57 1.30 0.27
O1 CIT B . 16.64 0.85 0.98
O2 CIT B . 18.72 0.86 0.45
C2 CIT B . 17.31 2.37 -0.77
C3 CIT B . 15.99 3.09 -0.46
O7 CIT B . 15.89 3.33 0.96
C4 CIT B . 15.89 4.42 -1.20
C5 CIT B . 16.91 5.39 -0.67
O3 CIT B . 17.48 6.20 -1.44
O4 CIT B . 17.19 5.43 0.55
C6 CIT B . 14.81 2.25 -0.92
O5 CIT B . 14.95 1.05 -1.24
O6 CIT B . 13.68 2.77 -0.97
C1 UMU C . 2.50 1.09 8.91
C2 UMU C . 2.56 0.87 7.62
C3 UMU C . 3.66 0.33 7.09
C4 UMU C . 0.73 1.74 8.10
N1 UMU C . 4.63 0.00 7.83
N2 UMU C . 3.50 0.75 9.62
C5 UMU C . -2.98 -1.61 8.70
C6 UMU C . 4.53 0.23 9.07
C7 UMU C . -3.17 -2.11 7.32
C8 UMU C . -3.90 -1.00 6.65
C9 UMU C . -3.52 0.10 7.58
C10 UMU C . -4.40 1.25 7.71
C11 UMU C . -6.29 -0.71 12.44
C12 UMU C . -4.90 -0.93 12.96
C13 UMU C . -3.46 0.84 12.25
C14 UMU C . -1.96 2.48 11.44
C15 UMU C . -0.67 2.05 11.88
C16 UMU C . 1.03 1.99 10.51
C17 UMU C . 0.62 3.42 10.66
C18 UMU C . 0.01 3.33 11.99
C19 UMU C . -0.54 2.27 7.90
C20 UMU C . -1.61 2.72 7.82
C21 UMU C . -2.94 3.28 7.87
C22 UMU C . -4.80 -2.88 9.54
C23 UMU C . -3.97 -3.93 11.10
C24 UMU C . -3.02 -3.17 10.52
C25 UMU C . -1.55 -3.95 11.99
C26 UMU C . -3.62 -4.73 12.13
N3 UMU C . 3.75 0.10 5.84
N4 UMU C . 1.47 1.30 7.14
N5 UMU C . 1.38 1.62 9.20
N6 UMU C . -4.02 -0.26 12.03
N7 UMU C . -2.70 1.29 11.31
N8 UMU C . -3.57 -2.53 9.56
N9 UMU C . -5.05 -3.73 10.45
N10 UMU C . -1.81 -3.19 11.00
N11 UMU C . -2.42 -4.68 12.56
N12 UMU C . -4.46 -5.49 12.72
O1 UMU C . -1.92 -2.31 6.74
O2 UMU C . -3.35 -0.82 5.40
O3 UMU C . -3.77 -0.51 8.72
O4 UMU C . -3.85 2.43 7.16
O5 UMU C . -3.62 1.42 13.28
O6 UMU C . -0.17 1.44 10.77
O7 UMU C . 1.65 4.34 10.72
O8 UMU C . 0.98 3.16 12.94
#